data_1X89
#
_entry.id   1X89
#
_cell.length_a   114.200
_cell.length_b   114.200
_cell.length_c   119.300
_cell.angle_alpha   90.00
_cell.angle_beta   90.00
_cell.angle_gamma   90.00
#
_symmetry.space_group_name_H-M   'P 41 21 2'
#
loop_
_entity.id
_entity.type
_entity.pdbx_description
1 polymer 'Neutrophil gelatinase-associated lipocalin'
2 non-polymer 'CARBOXYMYCOBACTIN S'
3 water water
#
_entity_poly.entity_id   1
_entity_poly.type   'polypeptide(L)'
_entity_poly.pdbx_seq_one_letter_code
;QDSTSDLIPAPPLSKVPLQQNFQDNQFQGKWYVVGLAGNAILREDKDPQKMYATIYELKEDKSYNVTSVLFRKKKCDYWI
RTFVPGSQPGEFTLGNIKSYPGLTSYLVRVVSTNYNQHAMVFFKKVSQNREYFKITLYGRTKELTSELKENFIRFSKSLG
LPENHIVFPVPIDQCIDG
;
_entity_poly.pdbx_strand_id   A,B,C
#
# COMPACT_ATOMS: atom_id res chain seq x y z
N THR A 4 37.13 12.04 -8.30
CA THR A 4 37.10 11.11 -7.11
C THR A 4 35.72 10.88 -6.52
N SER A 5 35.13 9.69 -6.79
CA SER A 5 33.80 9.25 -6.26
C SER A 5 33.93 7.99 -5.37
N ASP A 6 32.96 7.79 -4.49
CA ASP A 6 32.89 6.64 -3.61
C ASP A 6 31.51 6.01 -3.84
N LEU A 7 31.40 4.72 -4.12
CA LEU A 7 30.10 4.10 -4.35
C LEU A 7 29.94 2.74 -3.64
N ILE A 8 28.71 2.49 -3.16
CA ILE A 8 28.38 1.19 -2.55
C ILE A 8 28.50 0.28 -3.76
N PRO A 9 29.14 -0.87 -3.63
CA PRO A 9 29.27 -1.77 -4.81
C PRO A 9 27.98 -2.43 -5.31
N ALA A 10 27.93 -2.70 -6.62
CA ALA A 10 26.82 -3.38 -7.27
C ALA A 10 26.84 -4.73 -6.70
N PRO A 11 25.66 -5.25 -6.37
CA PRO A 11 25.56 -6.61 -5.83
C PRO A 11 25.83 -7.65 -6.91
N PRO A 12 26.22 -8.84 -6.50
CA PRO A 12 26.44 -9.84 -7.54
C PRO A 12 25.00 -10.19 -8.14
N LEU A 13 24.91 -10.43 -9.43
CA LEU A 13 23.65 -10.76 -10.06
C LEU A 13 22.88 -11.92 -9.48
N SER A 14 23.54 -12.75 -8.67
CA SER A 14 22.95 -13.93 -8.13
C SER A 14 22.02 -13.53 -7.02
N LYS A 15 22.19 -12.31 -6.52
CA LYS A 15 21.31 -11.81 -5.47
C LYS A 15 20.11 -11.03 -6.08
N VAL A 16 19.95 -11.07 -7.39
CA VAL A 16 18.84 -10.30 -7.97
C VAL A 16 17.91 -11.26 -8.63
N PRO A 17 16.74 -11.53 -8.03
CA PRO A 17 15.87 -12.49 -8.72
C PRO A 17 15.38 -11.98 -10.07
N LEU A 18 14.94 -12.93 -10.91
CA LEU A 18 14.34 -12.67 -12.23
C LEU A 18 12.85 -13.06 -12.18
N GLN A 19 11.94 -12.22 -12.69
CA GLN A 19 10.49 -12.56 -12.71
C GLN A 19 10.31 -13.78 -13.62
N GLN A 20 9.82 -14.88 -13.06
CA GLN A 20 9.62 -16.11 -13.87
C GLN A 20 8.52 -15.89 -14.91
N ASN A 21 8.61 -16.60 -16.02
CA ASN A 21 7.57 -16.48 -17.02
C ASN A 21 7.31 -15.03 -17.41
N PHE A 22 8.33 -14.21 -17.69
CA PHE A 22 8.03 -12.81 -18.03
C PHE A 22 7.17 -12.59 -19.24
N GLN A 23 6.14 -11.75 -19.13
CA GLN A 23 5.28 -11.50 -20.29
C GLN A 23 5.49 -10.09 -20.87
N ASP A 24 6.26 -9.95 -21.93
CA ASP A 24 6.57 -8.63 -22.43
C ASP A 24 5.35 -7.80 -22.81
N ASN A 25 4.34 -8.45 -23.39
CA ASN A 25 3.14 -7.70 -23.78
C ASN A 25 2.40 -7.09 -22.59
N GLN A 26 2.31 -7.79 -21.48
CA GLN A 26 1.60 -7.31 -20.29
C GLN A 26 2.38 -6.27 -19.46
N PHE A 27 3.69 -6.12 -19.70
CA PHE A 27 4.47 -5.17 -18.92
C PHE A 27 4.44 -3.79 -19.58
N GLN A 28 3.93 -3.73 -20.81
CA GLN A 28 3.86 -2.47 -21.50
C GLN A 28 2.96 -1.39 -20.77
N GLY A 29 2.99 -0.17 -21.30
CA GLY A 29 2.18 0.86 -20.70
C GLY A 29 2.96 1.75 -19.75
N LYS A 30 2.20 2.51 -18.99
CA LYS A 30 2.77 3.48 -18.09
C LYS A 30 2.96 2.96 -16.71
N TRP A 31 4.12 3.27 -16.14
CA TRP A 31 4.43 2.88 -14.75
C TRP A 31 4.85 4.14 -13.99
N TYR A 32 4.30 4.38 -12.81
CA TYR A 32 4.75 5.49 -12.00
C TYR A 32 5.95 4.96 -11.10
N VAL A 33 6.91 5.82 -10.82
CA VAL A 33 8.06 5.44 -9.97
C VAL A 33 7.68 5.79 -8.56
N VAL A 34 7.12 4.82 -7.81
CA VAL A 34 6.72 5.17 -6.46
C VAL A 34 7.87 4.99 -5.43
N GLY A 35 8.89 4.23 -5.83
CA GLY A 35 10.08 4.07 -5.00
C GLY A 35 11.31 4.01 -5.91
N LEU A 36 12.41 4.56 -5.38
CA LEU A 36 13.66 4.63 -6.07
C LEU A 36 14.84 4.42 -5.06
N ALA A 37 15.76 3.49 -5.41
CA ALA A 37 16.91 3.19 -4.56
C ALA A 37 18.12 2.91 -5.42
N GLY A 38 19.30 3.24 -4.92
CA GLY A 38 20.51 2.96 -5.72
C GLY A 38 21.77 3.57 -5.11
N ASN A 39 22.93 3.18 -5.62
CA ASN A 39 24.18 3.71 -5.04
C ASN A 39 24.43 5.15 -5.39
N ALA A 40 23.63 5.73 -6.31
CA ALA A 40 23.76 7.15 -6.63
C ALA A 40 22.44 7.89 -6.36
N ILE A 41 21.57 7.27 -5.58
CA ILE A 41 20.32 7.88 -5.20
C ILE A 41 20.53 8.36 -3.71
N LEU A 42 20.24 9.62 -3.38
CA LEU A 42 20.42 10.17 -2.00
C LEU A 42 19.17 10.94 -1.55
N ARG A 43 18.64 10.61 -0.40
CA ARG A 43 17.47 11.31 0.09
C ARG A 43 17.82 12.78 0.29
N GLU A 44 16.87 13.65 0.11
CA GLU A 44 17.22 15.04 0.30
C GLU A 44 15.94 15.74 0.71
N ASP A 45 15.77 15.83 2.03
CA ASP A 45 14.58 16.40 2.64
C ASP A 45 14.24 17.81 2.33
N LYS A 46 15.23 18.60 1.96
CA LYS A 46 14.99 19.97 1.62
C LYS A 46 14.30 19.97 0.25
N ASP A 47 14.95 19.48 -0.80
CA ASP A 47 14.29 19.42 -2.11
C ASP A 47 13.99 17.94 -2.49
N PRO A 48 12.96 17.35 -1.89
CA PRO A 48 12.63 15.95 -2.19
C PRO A 48 12.25 15.69 -3.63
N GLN A 49 12.63 14.51 -4.05
CA GLN A 49 12.42 13.99 -5.38
C GLN A 49 10.92 13.90 -5.75
N LYS A 50 10.56 14.45 -6.90
CA LYS A 50 9.17 14.36 -7.37
C LYS A 50 9.01 13.09 -8.17
N MET A 51 7.82 12.53 -8.09
CA MET A 51 7.50 11.32 -8.84
C MET A 51 7.62 11.58 -10.35
N TYR A 52 8.08 10.59 -11.10
CA TYR A 52 8.08 10.75 -12.55
C TYR A 52 7.48 9.42 -13.08
N ALA A 53 7.35 9.27 -14.39
CA ALA A 53 6.75 8.06 -14.94
C ALA A 53 7.59 7.53 -16.08
N THR A 54 7.46 6.23 -16.34
CA THR A 54 8.17 5.61 -17.42
C THR A 54 7.20 4.79 -18.21
N ILE A 55 7.19 5.00 -19.53
CA ILE A 55 6.27 4.27 -20.41
C ILE A 55 7.00 3.25 -21.31
N TYR A 56 6.53 2.02 -21.31
CA TYR A 56 7.16 0.93 -22.10
C TYR A 56 6.26 0.54 -23.29
N GLU A 57 6.73 0.71 -24.53
CA GLU A 57 5.95 0.25 -25.69
C GLU A 57 6.72 -0.77 -26.44
N LEU A 58 6.08 -1.94 -26.67
CA LEU A 58 6.67 -3.04 -27.45
C LEU A 58 6.74 -2.64 -28.92
N LYS A 59 7.91 -2.60 -29.49
CA LYS A 59 8.03 -2.25 -30.92
C LYS A 59 7.71 -3.55 -31.64
N GLU A 60 7.64 -3.50 -32.96
CA GLU A 60 7.24 -4.73 -33.63
C GLU A 60 8.28 -5.81 -33.50
N ASP A 61 9.57 -5.44 -33.40
CA ASP A 61 10.69 -6.37 -33.25
C ASP A 61 10.88 -6.87 -31.82
N LYS A 62 9.90 -6.56 -30.97
CA LYS A 62 9.90 -6.97 -29.59
C LYS A 62 10.83 -6.21 -28.65
N SER A 63 11.44 -5.16 -29.16
CA SER A 63 12.24 -4.30 -28.32
C SER A 63 11.27 -3.32 -27.67
N TYR A 64 11.70 -2.64 -26.60
CA TYR A 64 10.83 -1.67 -26.02
C TYR A 64 11.32 -0.30 -26.33
N ASN A 65 10.35 0.55 -26.62
CA ASN A 65 10.70 1.92 -26.72
C ASN A 65 10.35 2.46 -25.32
N VAL A 66 11.29 3.10 -24.64
CA VAL A 66 11.11 3.51 -23.27
C VAL A 66 11.23 4.99 -23.11
N THR A 67 10.17 5.59 -22.56
CA THR A 67 10.10 7.02 -22.36
C THR A 67 9.81 7.37 -20.93
N SER A 68 10.67 8.18 -20.33
CA SER A 68 10.46 8.65 -18.96
C SER A 68 10.10 10.12 -19.08
N VAL A 69 9.23 10.59 -18.20
CA VAL A 69 8.82 11.96 -18.24
C VAL A 69 8.84 12.50 -16.83
N LEU A 70 9.49 13.65 -16.64
CA LEU A 70 9.64 14.27 -15.28
C LEU A 70 9.26 15.73 -15.38
N PHE A 71 8.88 16.33 -14.27
CA PHE A 71 8.46 17.71 -14.26
C PHE A 71 9.65 18.43 -13.63
N ARG A 72 10.33 19.30 -14.37
CA ARG A 72 11.53 20.03 -13.93
C ARG A 72 11.55 21.45 -14.50
N LYS A 73 11.85 22.44 -13.66
CA LYS A 73 11.96 23.81 -14.17
C LYS A 73 10.64 24.23 -14.90
N LYS A 74 9.49 23.91 -14.29
CA LYS A 74 8.20 24.25 -14.84
C LYS A 74 7.86 23.64 -16.24
N LYS A 75 8.68 22.70 -16.71
CA LYS A 75 8.46 21.99 -17.95
C LYS A 75 8.50 20.42 -17.87
N CYS A 76 8.00 19.75 -18.91
CA CYS A 76 8.02 18.27 -18.98
C CYS A 76 9.21 17.92 -19.79
N ASP A 77 10.09 17.12 -19.21
CA ASP A 77 11.32 16.68 -19.94
C ASP A 77 11.16 15.18 -20.24
N TYR A 78 11.39 14.82 -21.48
CA TYR A 78 11.25 13.48 -21.95
C TYR A 78 12.63 12.88 -22.25
N TRP A 79 12.85 11.63 -21.82
CA TRP A 79 14.11 10.88 -22.06
C TRP A 79 13.68 9.60 -22.71
N ILE A 80 14.26 9.30 -23.86
CA ILE A 80 13.89 8.11 -24.58
C ILE A 80 15.03 7.15 -24.76
N ARG A 81 14.76 5.85 -24.53
CA ARG A 81 15.80 4.89 -24.77
C ARG A 81 15.16 3.60 -25.33
N THR A 82 16.00 2.65 -25.79
CA THR A 82 15.50 1.40 -26.36
C THR A 82 16.06 0.29 -25.51
N PHE A 83 15.18 -0.63 -25.09
CA PHE A 83 15.62 -1.76 -24.29
C PHE A 83 15.56 -2.96 -25.23
N VAL A 84 16.64 -3.69 -25.39
CA VAL A 84 16.59 -4.84 -26.30
C VAL A 84 16.67 -6.12 -25.49
N PRO A 85 15.78 -7.10 -25.79
CA PRO A 85 15.72 -8.41 -25.07
C PRO A 85 17.10 -8.95 -24.88
N GLY A 86 17.39 -9.36 -23.68
CA GLY A 86 18.70 -9.86 -23.35
C GLY A 86 18.83 -11.37 -23.34
N SER A 87 19.56 -11.92 -22.39
CA SER A 87 19.82 -13.35 -22.42
C SER A 87 18.65 -14.21 -21.99
N GLN A 88 17.77 -13.68 -21.14
CA GLN A 88 16.59 -14.45 -20.76
C GLN A 88 15.35 -13.49 -20.62
N PRO A 89 14.11 -14.02 -20.83
CA PRO A 89 12.87 -13.22 -20.76
C PRO A 89 12.85 -12.41 -19.47
N GLY A 90 12.74 -11.10 -19.60
CA GLY A 90 12.70 -10.25 -18.40
C GLY A 90 14.01 -9.47 -18.18
N GLU A 91 15.00 -9.74 -19.05
CA GLU A 91 16.32 -9.07 -19.00
C GLU A 91 16.51 -8.29 -20.28
N PHE A 92 17.22 -7.16 -20.20
CA PHE A 92 17.42 -6.35 -21.40
C PHE A 92 18.76 -5.63 -21.35
N THR A 93 19.19 -5.22 -22.50
CA THR A 93 20.34 -4.38 -22.61
C THR A 93 19.84 -3.14 -23.41
N LEU A 94 20.68 -2.12 -23.42
CA LEU A 94 20.41 -0.85 -24.02
C LEU A 94 20.78 -0.76 -25.48
N GLY A 95 19.84 -0.35 -26.30
CA GLY A 95 20.09 -0.18 -27.73
C GLY A 95 20.85 1.13 -28.01
N ASN A 96 21.75 1.08 -28.99
CA ASN A 96 22.55 2.23 -29.42
C ASN A 96 23.43 2.78 -28.33
N ILE A 97 24.10 1.89 -27.65
CA ILE A 97 24.96 2.27 -26.57
C ILE A 97 26.02 3.28 -27.08
N LYS A 98 26.50 3.06 -28.31
CA LYS A 98 27.47 3.94 -28.90
C LYS A 98 27.13 5.40 -28.83
N SER A 99 25.85 5.77 -28.97
CA SER A 99 25.48 7.17 -28.92
C SER A 99 25.52 7.81 -27.56
N TYR A 100 25.96 7.08 -26.54
CA TYR A 100 26.06 7.68 -25.22
C TYR A 100 27.53 7.63 -24.80
N PRO A 101 28.16 8.80 -24.69
CA PRO A 101 29.56 9.06 -24.33
C PRO A 101 29.98 8.41 -23.00
N GLY A 102 30.91 7.49 -23.01
CA GLY A 102 31.35 6.95 -21.72
C GLY A 102 30.59 5.77 -21.10
N LEU A 103 29.55 5.28 -21.78
CA LEU A 103 28.73 4.20 -21.26
C LEU A 103 29.19 2.90 -21.85
N THR A 104 29.68 1.96 -21.05
CA THR A 104 30.18 0.71 -21.63
C THR A 104 29.35 -0.56 -21.37
N SER A 105 28.41 -0.50 -20.41
CA SER A 105 27.51 -1.64 -20.22
C SER A 105 26.20 -1.13 -19.54
N TYR A 106 25.10 -1.84 -19.79
CA TYR A 106 23.81 -1.43 -19.22
C TYR A 106 22.99 -2.72 -19.18
N LEU A 107 22.44 -3.05 -18.04
CA LEU A 107 21.66 -4.28 -17.90
C LEU A 107 20.33 -3.93 -17.19
N VAL A 108 19.23 -4.52 -17.66
CA VAL A 108 17.96 -4.37 -16.99
C VAL A 108 17.46 -5.79 -16.59
N ARG A 109 17.03 -5.93 -15.36
CA ARG A 109 16.43 -7.20 -14.97
C ARG A 109 15.07 -7.01 -14.22
N VAL A 110 13.95 -7.49 -14.76
CA VAL A 110 12.64 -7.36 -14.03
C VAL A 110 12.67 -8.40 -12.91
N VAL A 111 12.72 -7.90 -11.68
CA VAL A 111 12.83 -8.69 -10.47
C VAL A 111 11.49 -9.43 -10.14
N SER A 112 10.36 -8.67 -10.13
CA SER A 112 9.02 -9.24 -9.88
C SER A 112 7.98 -8.20 -10.35
N THR A 113 6.83 -8.75 -10.74
CA THR A 113 5.71 -7.95 -11.17
C THR A 113 4.46 -8.83 -11.27
N ASN A 114 3.29 -8.18 -11.07
CA ASN A 114 1.98 -8.79 -11.31
C ASN A 114 1.37 -8.04 -12.54
N TYR A 115 2.16 -7.17 -13.16
CA TYR A 115 1.74 -6.46 -14.36
C TYR A 115 0.60 -5.37 -14.33
N ASN A 116 -0.44 -5.57 -13.50
CA ASN A 116 -1.57 -4.60 -13.48
C ASN A 116 -1.58 -3.71 -12.24
N GLN A 117 -0.60 -3.92 -11.37
CA GLN A 117 -0.46 -2.97 -10.28
C GLN A 117 0.98 -2.65 -9.78
N HIS A 118 1.91 -3.59 -9.78
CA HIS A 118 3.23 -3.20 -9.25
C HIS A 118 4.40 -3.97 -9.92
N ALA A 119 5.62 -3.44 -9.77
CA ALA A 119 6.84 -4.10 -10.34
C ALA A 119 8.06 -3.59 -9.66
N MET A 120 9.09 -4.42 -9.64
CA MET A 120 10.36 -3.98 -9.09
C MET A 120 11.38 -4.30 -10.18
N VAL A 121 12.18 -3.30 -10.59
CA VAL A 121 13.16 -3.55 -11.69
C VAL A 121 14.61 -3.15 -11.26
N PHE A 122 15.54 -4.00 -11.57
CA PHE A 122 16.93 -3.77 -11.22
C PHE A 122 17.64 -3.26 -12.43
N PHE A 123 18.45 -2.20 -12.25
CA PHE A 123 19.28 -1.71 -13.34
C PHE A 123 20.78 -1.60 -12.87
N LYS A 124 21.69 -1.95 -13.78
CA LYS A 124 23.15 -1.80 -13.51
C LYS A 124 23.83 -1.27 -14.77
N LYS A 125 24.67 -0.25 -14.62
CA LYS A 125 25.39 0.21 -15.78
C LYS A 125 26.85 0.59 -15.37
N VAL A 126 27.74 0.67 -16.36
CA VAL A 126 29.10 1.13 -16.11
C VAL A 126 29.25 2.36 -17.03
N SER A 127 29.45 3.52 -16.42
CA SER A 127 29.56 4.80 -17.07
C SER A 127 30.81 5.51 -16.58
N GLN A 128 31.67 5.96 -17.52
CA GLN A 128 32.99 6.55 -17.17
C GLN A 128 33.70 5.59 -16.20
N ASN A 129 33.66 4.29 -16.51
CA ASN A 129 34.23 3.26 -15.69
C ASN A 129 33.65 3.13 -14.25
N ARG A 130 32.65 3.91 -13.83
CA ARG A 130 32.10 3.70 -12.49
C ARG A 130 30.83 2.76 -12.59
N GLU A 131 30.68 1.85 -11.61
CA GLU A 131 29.59 0.89 -11.64
C GLU A 131 28.41 1.36 -10.79
N TYR A 132 27.33 1.67 -11.50
CA TYR A 132 26.13 2.17 -10.83
C TYR A 132 24.99 1.16 -10.82
N PHE A 133 24.17 1.21 -9.76
CA PHE A 133 23.00 0.35 -9.79
C PHE A 133 21.81 1.05 -9.13
N LYS A 134 20.60 0.67 -9.55
CA LYS A 134 19.38 1.20 -8.85
C LYS A 134 18.26 0.18 -8.99
N ILE A 135 17.25 0.32 -8.12
CA ILE A 135 16.05 -0.54 -8.14
C ILE A 135 14.82 0.45 -8.16
N THR A 136 13.88 0.22 -9.07
CA THR A 136 12.67 1.06 -9.07
C THR A 136 11.51 0.21 -8.61
N LEU A 137 10.68 0.85 -7.82
CA LEU A 137 9.42 0.23 -7.41
C LEU A 137 8.38 0.93 -8.29
N TYR A 138 7.84 0.19 -9.24
CA TYR A 138 6.87 0.71 -10.19
C TYR A 138 5.41 0.44 -9.74
N GLY A 139 4.57 1.45 -9.91
CA GLY A 139 3.17 1.24 -9.60
C GLY A 139 2.34 1.67 -10.76
N ARG A 140 1.25 0.95 -11.01
CA ARG A 140 0.29 1.31 -12.07
C ARG A 140 -0.48 2.57 -11.59
N THR A 141 -0.52 2.75 -10.27
CA THR A 141 -1.07 3.96 -9.70
C THR A 141 0.04 4.65 -8.87
N LYS A 142 -0.15 5.92 -8.51
CA LYS A 142 0.82 6.68 -7.75
C LYS A 142 0.97 6.24 -6.31
N GLU A 143 0.07 5.41 -5.83
CA GLU A 143 0.12 4.91 -4.46
C GLU A 143 0.22 3.43 -4.48
N LEU A 144 0.93 2.89 -3.52
CA LEU A 144 1.06 1.45 -3.38
C LEU A 144 0.92 1.13 -1.89
N THR A 145 0.53 -0.09 -1.54
CA THR A 145 0.39 -0.46 -0.14
C THR A 145 1.71 -0.36 0.67
N SER A 146 1.54 -0.12 1.97
CA SER A 146 2.69 -0.02 2.86
C SER A 146 3.45 -1.39 2.79
N GLU A 147 2.73 -2.45 2.44
CA GLU A 147 3.32 -3.75 2.34
C GLU A 147 4.31 -3.84 1.13
N LEU A 148 3.91 -3.26 -0.01
CA LEU A 148 4.76 -3.30 -1.19
C LEU A 148 5.96 -2.39 -0.91
N LYS A 149 5.74 -1.27 -0.25
CA LYS A 149 6.83 -0.42 0.04
C LYS A 149 7.93 -1.07 0.96
N GLU A 150 7.49 -1.72 2.05
CA GLU A 150 8.43 -2.38 2.96
C GLU A 150 9.20 -3.45 2.24
N ASN A 151 8.50 -4.19 1.42
CA ASN A 151 9.15 -5.21 0.69
C ASN A 151 10.26 -4.60 -0.20
N PHE A 152 9.97 -3.47 -0.84
CA PHE A 152 10.94 -2.82 -1.72
C PHE A 152 12.13 -2.41 -0.83
N ILE A 153 11.85 -1.91 0.35
CA ILE A 153 12.90 -1.49 1.24
C ILE A 153 13.82 -2.65 1.68
N ARG A 154 13.20 -3.79 1.94
CA ARG A 154 13.93 -4.98 2.37
C ARG A 154 14.86 -5.47 1.26
N PHE A 155 14.34 -5.48 0.06
CA PHE A 155 15.10 -5.92 -1.06
C PHE A 155 16.30 -4.98 -1.33
N SER A 156 16.10 -3.67 -1.22
CA SER A 156 17.11 -2.68 -1.47
C SER A 156 18.24 -2.91 -0.46
N LYS A 157 17.82 -3.07 0.82
CA LYS A 157 18.78 -3.32 1.92
C LYS A 157 19.49 -4.63 1.67
N SER A 158 18.79 -5.59 1.12
CA SER A 158 19.42 -6.84 0.87
C SER A 158 20.57 -6.71 -0.19
N LEU A 159 20.63 -5.60 -0.91
CA LEU A 159 21.62 -5.41 -1.92
C LEU A 159 22.69 -4.45 -1.43
N GLY A 160 22.72 -4.18 -0.12
CA GLY A 160 23.74 -3.30 0.41
C GLY A 160 23.37 -1.87 0.58
N LEU A 161 22.14 -1.46 0.23
CA LEU A 161 21.80 -0.05 0.36
C LEU A 161 21.19 0.39 1.70
N PRO A 162 21.69 1.46 2.28
CA PRO A 162 21.08 1.89 3.55
C PRO A 162 19.87 2.84 3.20
N GLU A 163 19.13 3.17 4.23
CA GLU A 163 17.94 3.96 4.15
C GLU A 163 18.13 5.26 3.47
N ASN A 164 19.23 5.95 3.71
CA ASN A 164 19.36 7.21 3.04
C ASN A 164 19.64 7.10 1.53
N HIS A 165 19.74 5.87 1.00
CA HIS A 165 19.88 5.69 -0.45
C HIS A 165 18.53 5.13 -1.03
N ILE A 166 17.43 5.27 -0.28
CA ILE A 166 16.14 4.73 -0.72
C ILE A 166 15.10 5.86 -0.59
N VAL A 167 14.44 6.29 -1.66
CA VAL A 167 13.47 7.40 -1.57
C VAL A 167 12.09 7.00 -2.18
N PHE A 168 11.03 7.75 -1.81
CA PHE A 168 9.69 7.48 -2.31
C PHE A 168 9.36 8.78 -2.90
N PRO A 169 9.46 8.88 -4.21
CA PRO A 169 9.14 10.19 -4.80
C PRO A 169 7.71 10.68 -4.48
N VAL A 170 7.56 12.00 -4.30
CA VAL A 170 6.26 12.60 -3.97
C VAL A 170 5.30 12.70 -5.16
N PRO A 171 4.11 12.12 -5.07
CA PRO A 171 3.16 12.19 -6.20
C PRO A 171 2.92 13.62 -6.68
N ILE A 172 2.80 13.83 -7.99
CA ILE A 172 2.47 15.15 -8.53
C ILE A 172 1.51 14.88 -9.69
N ASP A 173 0.94 15.96 -10.26
CA ASP A 173 0.00 15.83 -11.36
C ASP A 173 0.58 16.29 -12.67
N GLN A 174 1.50 17.26 -12.60
CA GLN A 174 2.10 17.75 -13.86
C GLN A 174 2.84 16.66 -14.68
N CYS A 175 2.68 16.72 -16.01
CA CYS A 175 3.35 15.82 -16.92
C CYS A 175 3.08 14.35 -16.92
N ILE A 176 2.88 13.79 -15.75
CA ILE A 176 2.77 12.37 -15.72
C ILE A 176 1.41 11.70 -15.77
N ASP A 177 0.35 12.49 -15.85
CA ASP A 177 -0.99 11.97 -15.93
C ASP A 177 -1.51 11.71 -17.33
N THR B 4 25.22 22.21 26.75
CA THR B 4 24.37 21.77 25.60
C THR B 4 24.13 20.25 25.58
N SER B 5 22.85 19.90 25.45
CA SER B 5 22.39 18.55 25.36
C SER B 5 21.31 18.73 24.29
N ASP B 6 21.36 18.00 23.17
CA ASP B 6 20.32 18.12 22.11
C ASP B 6 19.56 16.83 22.03
N LEU B 7 18.25 16.89 22.22
CA LEU B 7 17.39 15.69 22.18
C LEU B 7 16.27 15.84 21.17
N ILE B 8 15.90 14.75 20.47
CA ILE B 8 14.75 14.82 19.58
C ILE B 8 13.51 15.11 20.43
N PRO B 9 12.73 16.11 20.06
CA PRO B 9 11.54 16.42 20.86
C PRO B 9 10.63 15.22 21.12
N ALA B 10 9.98 15.24 22.29
CA ALA B 10 9.01 14.23 22.72
C ALA B 10 7.78 14.58 21.85
N PRO B 11 6.98 13.59 21.40
CA PRO B 11 5.87 14.08 20.58
C PRO B 11 4.69 14.49 21.42
N PRO B 12 3.78 15.33 20.86
CA PRO B 12 2.57 15.76 21.60
C PRO B 12 1.82 14.44 21.90
N LEU B 13 1.14 14.34 23.05
CA LEU B 13 0.44 13.09 23.39
C LEU B 13 -0.66 12.78 22.43
N SER B 14 -0.99 13.75 21.58
CA SER B 14 -2.05 13.54 20.61
C SER B 14 -1.50 12.67 19.46
N LYS B 15 -0.20 12.42 19.44
CA LYS B 15 0.37 11.58 18.39
C LYS B 15 0.53 10.14 18.91
N VAL B 16 0.10 9.88 20.13
CA VAL B 16 0.27 8.56 20.76
C VAL B 16 -1.09 7.99 21.11
N PRO B 17 -1.54 6.98 20.34
CA PRO B 17 -2.85 6.34 20.58
C PRO B 17 -2.88 5.59 21.91
N LEU B 18 -4.04 5.49 22.54
CA LEU B 18 -4.21 4.72 23.78
C LEU B 18 -5.08 3.48 23.38
N GLN B 19 -4.66 2.29 23.78
CA GLN B 19 -5.44 1.11 23.40
C GLN B 19 -6.90 1.27 23.92
N GLN B 20 -7.94 1.15 23.08
CA GLN B 20 -9.34 1.27 23.67
C GLN B 20 -9.68 0.08 24.59
N ASN B 21 -10.58 0.34 25.55
CA ASN B 21 -11.08 -0.70 26.46
C ASN B 21 -9.94 -1.59 27.00
N PHE B 22 -8.91 -0.94 27.57
CA PHE B 22 -7.72 -1.59 28.10
C PHE B 22 -8.08 -2.54 29.24
N GLN B 23 -7.49 -3.74 29.25
CA GLN B 23 -7.80 -4.72 30.28
C GLN B 23 -6.55 -5.09 31.08
N ASP B 24 -6.36 -4.46 32.24
CA ASP B 24 -5.18 -4.73 33.07
C ASP B 24 -4.90 -6.23 33.24
N ASN B 25 -5.98 -6.96 33.48
CA ASN B 25 -5.97 -8.39 33.71
C ASN B 25 -5.16 -9.15 32.69
N GLN B 26 -5.53 -8.94 31.43
CA GLN B 26 -4.89 -9.60 30.32
C GLN B 26 -3.48 -9.09 30.04
N PHE B 27 -3.15 -7.91 30.57
CA PHE B 27 -1.86 -7.33 30.26
C PHE B 27 -0.75 -7.85 31.16
N GLN B 28 -1.14 -8.35 32.33
CA GLN B 28 -0.17 -8.85 33.32
C GLN B 28 0.83 -9.92 32.91
N GLY B 29 1.82 -10.13 33.76
CA GLY B 29 2.81 -11.14 33.38
C GLY B 29 4.07 -10.71 32.63
N LYS B 30 4.73 -11.67 31.99
CA LYS B 30 5.97 -11.40 31.37
C LYS B 30 5.94 -11.05 29.92
N TRP B 31 6.74 -10.03 29.62
CA TRP B 31 6.87 -9.50 28.28
C TRP B 31 8.34 -9.44 27.91
N TYR B 32 8.70 -9.83 26.69
CA TYR B 32 10.09 -9.77 26.25
C TYR B 32 10.25 -8.47 25.47
N VAL B 33 11.43 -7.83 25.60
CA VAL B 33 11.67 -6.56 24.87
C VAL B 33 12.38 -6.88 23.57
N VAL B 34 11.51 -7.06 22.57
CA VAL B 34 11.77 -7.43 21.19
C VAL B 34 12.02 -6.18 20.34
N GLY B 35 11.61 -5.02 20.86
CA GLY B 35 11.82 -3.76 20.14
C GLY B 35 12.03 -2.62 21.11
N LEU B 36 12.98 -1.73 20.81
CA LEU B 36 13.30 -0.60 21.67
C LEU B 36 13.58 0.71 20.88
N ALA B 37 12.86 1.80 21.16
CA ALA B 37 13.10 3.11 20.44
C ALA B 37 12.95 4.33 21.33
N GLY B 38 13.80 5.34 21.13
CA GLY B 38 13.65 6.56 21.94
C GLY B 38 14.64 7.69 21.67
N ASN B 39 14.32 8.93 22.11
CA ASN B 39 15.24 10.05 21.86
C ASN B 39 16.58 9.88 22.61
N ALA B 40 16.64 8.86 23.46
CA ALA B 40 17.85 8.56 24.18
C ALA B 40 18.33 7.13 23.86
N ILE B 41 17.63 6.42 22.99
CA ILE B 41 18.08 5.07 22.66
C ILE B 41 18.97 5.29 21.44
N LEU B 42 19.97 4.41 21.27
CA LEU B 42 20.95 4.46 20.18
C LEU B 42 21.49 3.14 19.61
N ARG B 43 21.30 2.94 18.31
CA ARG B 43 21.78 1.71 17.68
C ARG B 43 23.33 1.58 17.85
N GLU B 44 23.78 0.37 18.23
CA GLU B 44 25.23 0.08 18.41
C GLU B 44 25.47 -1.43 18.57
N PRO B 48 25.89 -4.73 21.00
CA PRO B 48 24.48 -4.69 20.54
C PRO B 48 23.55 -4.98 21.71
N GLN B 49 22.38 -4.32 21.75
CA GLN B 49 21.45 -4.50 22.87
C GLN B 49 20.99 -5.92 23.19
N LYS B 50 21.31 -6.43 24.38
CA LYS B 50 20.88 -7.77 24.76
C LYS B 50 19.41 -7.70 25.14
N MET B 51 18.68 -8.80 24.95
CA MET B 51 17.27 -8.79 25.28
C MET B 51 17.14 -8.81 26.79
N TYR B 52 16.04 -8.25 27.29
CA TYR B 52 15.73 -8.25 28.72
C TYR B 52 14.22 -8.41 28.85
N ALA B 53 13.71 -8.69 30.05
CA ALA B 53 12.26 -8.84 30.13
C ALA B 53 11.75 -7.99 31.24
N THR B 54 10.45 -7.75 31.17
CA THR B 54 9.75 -6.93 32.11
C THR B 54 8.46 -7.63 32.52
N ILE B 55 8.36 -7.86 33.84
CA ILE B 55 7.24 -8.55 34.42
C ILE B 55 6.27 -7.61 35.07
N TYR B 56 5.01 -7.69 34.63
CA TYR B 56 3.93 -6.87 35.18
C TYR B 56 3.03 -7.72 36.08
N GLU B 57 3.13 -7.47 37.40
CA GLU B 57 2.32 -8.16 38.42
C GLU B 57 1.10 -7.35 38.88
N LEU B 58 -0.09 -7.74 38.43
CA LEU B 58 -1.29 -7.03 38.86
C LEU B 58 -1.47 -7.18 40.37
N LYS B 59 -1.44 -6.07 41.09
CA LYS B 59 -1.62 -6.16 42.53
C LYS B 59 -3.12 -6.11 42.89
N GLU B 60 -3.46 -6.74 44.01
CA GLU B 60 -4.85 -6.73 44.47
C GLU B 60 -5.36 -5.31 44.43
N ASP B 61 -4.44 -4.35 44.58
CA ASP B 61 -4.80 -2.94 44.57
C ASP B 61 -4.95 -2.29 43.17
N LYS B 62 -4.84 -3.08 42.10
CA LYS B 62 -5.00 -2.57 40.74
C LYS B 62 -3.74 -1.90 40.13
N SER B 63 -2.68 -1.79 40.93
CA SER B 63 -1.44 -1.23 40.41
C SER B 63 -0.66 -2.40 39.83
N TYR B 64 0.52 -2.07 39.31
CA TYR B 64 1.40 -3.09 38.77
C TYR B 64 2.76 -3.01 39.42
N ASN B 65 3.23 -4.13 39.96
CA ASN B 65 4.59 -4.10 40.45
C ASN B 65 5.29 -4.50 39.14
N VAL B 66 6.29 -3.71 38.76
CA VAL B 66 6.98 -3.91 37.50
C VAL B 66 8.41 -4.26 37.75
N THR B 67 8.80 -5.46 37.37
CA THR B 67 10.20 -5.74 37.58
C THR B 67 10.87 -6.11 36.26
N SER B 68 12.01 -5.48 36.02
CA SER B 68 12.81 -5.70 34.83
C SER B 68 14.07 -6.52 35.14
N VAL B 69 14.35 -7.50 34.28
CA VAL B 69 15.53 -8.38 34.43
C VAL B 69 16.37 -8.34 33.15
N LEU B 70 17.66 -7.99 33.31
CA LEU B 70 18.63 -7.94 32.25
C LEU B 70 19.84 -8.73 32.70
N PHE B 71 20.59 -9.21 31.70
CA PHE B 71 21.81 -9.98 31.96
C PHE B 71 22.93 -8.96 31.81
N ARG B 72 23.65 -8.65 32.88
CA ARG B 72 24.73 -7.66 32.83
C ARG B 72 25.93 -8.12 33.67
N LYS B 73 27.14 -7.97 33.12
CA LYS B 73 28.40 -8.35 33.79
C LYS B 73 28.28 -9.73 34.49
N LYS B 74 27.88 -10.71 33.70
CA LYS B 74 27.71 -12.06 34.17
C LYS B 74 26.71 -12.28 35.35
N LYS B 75 25.86 -11.29 35.62
CA LYS B 75 24.86 -11.44 36.66
C LYS B 75 23.47 -11.07 36.18
N CYS B 76 22.48 -11.40 37.00
CA CYS B 76 21.11 -11.03 36.67
C CYS B 76 20.80 -9.77 37.48
N ASP B 77 20.44 -8.66 36.80
CA ASP B 77 20.07 -7.38 37.50
C ASP B 77 18.57 -7.16 37.42
N TYR B 78 18.00 -6.86 38.58
CA TYR B 78 16.55 -6.63 38.67
C TYR B 78 16.30 -5.15 38.99
N TRP B 79 15.37 -4.51 38.27
CA TRP B 79 15.00 -3.12 38.51
C TRP B 79 13.53 -3.26 38.79
N ILE B 80 13.11 -2.83 39.98
CA ILE B 80 11.70 -2.92 40.31
C ILE B 80 11.13 -1.51 40.54
N ARG B 81 9.89 -1.31 40.09
CA ARG B 81 9.18 -0.05 40.22
C ARG B 81 7.71 -0.38 40.36
N THR B 82 6.89 0.66 40.53
CA THR B 82 5.46 0.45 40.66
C THR B 82 4.76 1.38 39.65
N PHE B 83 3.81 0.85 38.90
CA PHE B 83 3.08 1.68 37.94
C PHE B 83 1.66 1.81 38.47
N VAL B 84 1.23 3.02 38.72
CA VAL B 84 -0.12 3.15 39.22
C VAL B 84 -1.11 3.71 38.17
N PRO B 85 -2.30 3.10 38.07
CA PRO B 85 -3.35 3.50 37.12
C PRO B 85 -3.56 5.01 37.06
N GLY B 86 -3.60 5.52 35.83
CA GLY B 86 -3.80 6.94 35.56
C GLY B 86 -5.28 7.25 35.32
N SER B 87 -5.58 8.43 34.75
CA SER B 87 -6.98 8.82 34.52
C SER B 87 -7.77 7.88 33.63
N GLN B 88 -7.14 7.41 32.55
CA GLN B 88 -7.78 6.49 31.62
C GLN B 88 -7.17 5.07 31.73
N PRO B 89 -7.99 4.01 31.48
CA PRO B 89 -7.48 2.62 31.54
C PRO B 89 -6.41 2.56 30.42
N GLY B 90 -5.26 1.99 30.76
CA GLY B 90 -4.16 1.91 29.80
C GLY B 90 -3.02 2.92 30.05
N GLU B 91 -3.28 3.89 30.91
CA GLU B 91 -2.27 4.86 31.26
C GLU B 91 -1.79 4.58 32.66
N PHE B 92 -0.54 4.92 32.91
CA PHE B 92 0.06 4.69 34.23
C PHE B 92 1.01 5.79 34.67
N THR B 93 1.19 5.91 35.97
CA THR B 93 2.11 6.91 36.51
C THR B 93 3.09 6.10 37.35
N LEU B 94 4.22 6.73 37.68
CA LEU B 94 5.26 6.07 38.43
C LEU B 94 5.07 6.04 39.95
N GLY B 95 4.91 4.85 40.50
CA GLY B 95 4.74 4.73 41.96
C GLY B 95 5.90 5.43 42.67
N ASN B 96 5.58 6.09 43.80
CA ASN B 96 6.57 6.84 44.57
C ASN B 96 7.61 7.68 43.76
N ILE B 97 7.11 8.40 42.77
CA ILE B 97 7.93 9.22 41.89
C ILE B 97 8.83 10.20 42.69
N LYS B 98 8.31 10.68 43.83
CA LYS B 98 9.02 11.64 44.69
C LYS B 98 10.32 11.11 45.31
N SER B 99 10.52 9.80 45.34
CA SER B 99 11.75 9.20 45.89
C SER B 99 12.84 9.09 44.79
N TYR B 100 12.56 9.67 43.62
CA TYR B 100 13.52 9.63 42.53
C TYR B 100 14.09 11.01 42.36
N PRO B 101 15.39 11.14 42.65
CA PRO B 101 16.10 12.42 42.55
C PRO B 101 16.04 12.88 41.10
N GLY B 102 15.61 14.12 40.84
CA GLY B 102 15.59 14.64 39.46
C GLY B 102 14.42 14.29 38.54
N LEU B 103 13.54 13.41 39.02
CA LEU B 103 12.42 13.02 38.20
C LEU B 103 11.22 13.88 38.53
N THR B 104 10.84 14.78 37.62
CA THR B 104 9.67 15.59 37.90
C THR B 104 8.40 15.11 37.23
N SER B 105 8.46 14.39 36.11
CA SER B 105 7.18 13.86 35.56
C SER B 105 7.41 12.50 34.87
N TYR B 106 6.35 11.68 34.82
CA TYR B 106 6.46 10.35 34.24
C TYR B 106 5.09 9.86 33.86
N LEU B 107 5.03 9.29 32.67
CA LEU B 107 3.76 8.82 32.16
C LEU B 107 3.98 7.55 31.30
N VAL B 108 3.06 6.59 31.44
CA VAL B 108 3.18 5.42 30.65
C VAL B 108 1.87 5.35 29.91
N ARG B 109 1.94 5.03 28.61
CA ARG B 109 0.70 4.88 27.85
C ARG B 109 0.75 3.70 26.88
N VAL B 110 -0.04 2.68 27.19
CA VAL B 110 -0.18 1.49 26.36
C VAL B 110 -0.80 1.91 25.04
N VAL B 111 -0.01 1.80 24.00
CA VAL B 111 -0.44 2.28 22.71
C VAL B 111 -1.33 1.30 21.92
N SER B 112 -0.91 0.04 21.95
CA SER B 112 -1.53 -1.02 21.23
C SER B 112 -1.19 -2.45 21.80
N THR B 113 -2.17 -3.35 21.85
CA THR B 113 -1.90 -4.69 22.32
C THR B 113 -3.04 -5.66 22.04
N ASN B 114 -2.70 -6.94 21.81
CA ASN B 114 -3.71 -8.00 21.66
C ASN B 114 -3.48 -8.95 22.86
N TYR B 115 -2.72 -8.44 23.85
CA TYR B 115 -2.46 -9.14 25.12
C TYR B 115 -1.76 -10.52 25.14
N ASN B 116 -1.98 -11.32 24.11
CA ASN B 116 -1.40 -12.65 24.13
C ASN B 116 -0.22 -12.89 23.18
N GLN B 117 0.14 -11.87 22.41
CA GLN B 117 1.27 -11.97 21.49
C GLN B 117 2.24 -10.78 21.61
N HIS B 118 1.67 -9.57 21.51
CA HIS B 118 2.47 -8.36 21.49
C HIS B 118 1.77 -7.13 22.05
N ALA B 119 2.59 -6.12 22.36
CA ALA B 119 2.09 -4.86 22.84
C ALA B 119 3.11 -3.77 22.49
N MET B 120 2.56 -2.57 22.30
CA MET B 120 3.37 -1.41 22.04
C MET B 120 3.13 -0.39 23.18
N VAL B 121 4.20 -0.04 23.89
CA VAL B 121 4.06 0.89 25.00
C VAL B 121 4.95 2.13 24.87
N PHE B 122 4.34 3.30 25.11
CA PHE B 122 5.03 4.60 25.07
C PHE B 122 5.31 5.07 26.48
N PHE B 123 6.53 5.53 26.71
CA PHE B 123 6.96 6.06 28.00
C PHE B 123 7.51 7.52 27.87
N LYS B 124 6.99 8.46 28.65
CA LYS B 124 7.56 9.80 28.62
C LYS B 124 7.88 10.26 30.04
N LYS B 125 9.02 10.97 30.20
CA LYS B 125 9.44 11.49 31.49
C LYS B 125 10.33 12.73 31.40
N VAL B 126 10.34 13.52 32.47
CA VAL B 126 11.18 14.71 32.54
C VAL B 126 12.13 14.55 33.71
N SER B 127 13.42 14.46 33.45
CA SER B 127 14.40 14.34 34.52
C SER B 127 15.52 15.30 34.21
N GLN B 128 15.96 16.05 35.22
CA GLN B 128 17.01 17.07 35.06
C GLN B 128 16.50 18.08 34.02
N ASN B 129 15.19 18.28 33.99
CA ASN B 129 14.55 19.22 33.06
C ASN B 129 14.64 18.82 31.58
N ARG B 130 15.16 17.64 31.31
CA ARG B 130 15.24 17.19 29.92
C ARG B 130 14.05 16.27 29.65
N GLU B 131 13.50 16.36 28.44
CA GLU B 131 12.35 15.52 28.11
C GLU B 131 12.69 14.27 27.33
N TYR B 132 12.63 13.09 27.98
CA TYR B 132 12.88 11.82 27.29
C TYR B 132 11.61 11.02 26.96
N PHE B 133 11.70 10.23 25.91
CA PHE B 133 10.60 9.34 25.54
C PHE B 133 11.19 8.08 24.89
N LYS B 134 10.43 6.98 24.96
CA LYS B 134 10.80 5.69 24.36
C LYS B 134 9.54 4.86 24.13
N ILE B 135 9.67 3.90 23.20
CA ILE B 135 8.60 2.98 22.86
C ILE B 135 9.21 1.59 22.94
N THR B 136 8.51 0.66 23.61
CA THR B 136 9.02 -0.71 23.63
C THR B 136 8.01 -1.52 22.80
N LEU B 137 8.51 -2.53 22.11
CA LEU B 137 7.69 -3.45 21.33
C LEU B 137 7.80 -4.71 22.21
N TYR B 138 6.70 -5.05 22.88
CA TYR B 138 6.69 -6.23 23.75
C TYR B 138 6.18 -7.44 22.99
N GLY B 139 6.71 -8.60 23.39
CA GLY B 139 6.33 -9.89 22.82
C GLY B 139 6.13 -10.90 23.92
N ARG B 140 5.16 -11.79 23.74
CA ARG B 140 4.95 -12.78 24.80
C ARG B 140 6.08 -13.80 24.62
N THR B 141 6.64 -13.79 23.41
CA THR B 141 7.76 -14.66 23.04
C THR B 141 8.99 -13.80 22.71
N LYS B 142 10.17 -14.42 22.54
CA LYS B 142 11.41 -13.70 22.20
C LYS B 142 11.47 -13.27 20.74
N GLU B 143 10.48 -13.64 19.96
CA GLU B 143 10.49 -13.24 18.55
C GLU B 143 9.14 -12.70 18.10
N LEU B 144 9.15 -11.93 17.02
CA LEU B 144 7.90 -11.42 16.46
C LEU B 144 8.04 -11.23 14.96
N THR B 145 6.89 -11.21 14.28
CA THR B 145 6.80 -11.08 12.83
C THR B 145 7.33 -9.77 12.24
N SER B 146 7.95 -9.89 11.06
CA SER B 146 8.50 -8.74 10.36
C SER B 146 7.44 -7.65 10.20
N GLU B 147 6.18 -8.08 10.06
CA GLU B 147 5.05 -7.12 9.97
C GLU B 147 4.99 -6.31 11.30
N LEU B 148 5.03 -7.00 12.44
CA LEU B 148 4.97 -6.33 13.76
C LEU B 148 6.13 -5.35 13.92
N LYS B 149 7.34 -5.83 13.68
CA LYS B 149 8.51 -5.00 13.74
C LYS B 149 8.45 -3.82 12.75
N GLU B 150 7.72 -3.99 11.64
CA GLU B 150 7.60 -2.93 10.65
C GLU B 150 6.61 -1.89 11.13
N ASN B 151 5.51 -2.36 11.72
CA ASN B 151 4.50 -1.44 12.26
C ASN B 151 5.22 -0.61 13.40
N PHE B 152 6.10 -1.30 14.14
CA PHE B 152 6.85 -0.69 15.25
C PHE B 152 7.81 0.39 14.73
N ILE B 153 8.41 0.19 13.57
CA ILE B 153 9.30 1.23 13.04
C ILE B 153 8.49 2.45 12.53
N ARG B 154 7.39 2.20 11.82
CA ARG B 154 6.63 3.32 11.26
C ARG B 154 6.04 4.15 12.34
N PHE B 155 5.58 3.49 13.40
CA PHE B 155 4.99 4.20 14.53
C PHE B 155 6.09 5.12 15.13
N SER B 156 7.23 4.50 15.38
CA SER B 156 8.45 5.13 15.92
C SER B 156 8.87 6.32 15.04
N LYS B 157 9.01 6.07 13.74
CA LYS B 157 9.38 7.15 12.85
C LYS B 157 8.25 8.17 12.91
N SER B 158 7.00 7.73 13.06
CA SER B 158 5.93 8.72 13.12
C SER B 158 6.10 9.67 14.36
N LEU B 159 6.96 9.28 15.31
CA LEU B 159 7.12 10.11 16.50
C LEU B 159 8.40 10.97 16.42
N GLY B 160 9.06 10.92 15.26
CA GLY B 160 10.24 11.72 15.02
C GLY B 160 11.50 10.92 15.13
N LEU B 161 11.40 9.65 15.41
CA LEU B 161 12.64 8.90 15.55
C LEU B 161 13.15 8.24 14.26
N PRO B 162 14.41 8.53 13.93
CA PRO B 162 15.20 8.05 12.79
C PRO B 162 15.60 6.62 13.10
N GLU B 163 15.96 5.87 12.07
CA GLU B 163 16.32 4.49 12.30
C GLU B 163 17.52 4.21 13.23
N ASN B 164 18.41 5.16 13.45
CA ASN B 164 19.55 4.89 14.35
C ASN B 164 19.13 4.99 15.84
N HIS B 165 17.88 5.33 16.10
CA HIS B 165 17.37 5.44 17.48
C HIS B 165 16.39 4.29 17.74
N ILE B 166 16.34 3.34 16.79
CA ILE B 166 15.45 2.18 16.88
C ILE B 166 16.31 0.94 16.94
N VAL B 167 16.02 0.03 17.87
CA VAL B 167 16.83 -1.17 18.03
C VAL B 167 15.97 -2.44 18.25
N PHE B 168 16.50 -3.61 17.88
CA PHE B 168 15.75 -4.84 18.15
C PHE B 168 16.66 -5.69 19.01
N PRO B 169 16.46 -5.68 20.33
CA PRO B 169 17.32 -6.48 21.23
C PRO B 169 17.54 -7.94 20.76
N VAL B 170 18.74 -8.48 20.99
CA VAL B 170 19.09 -9.85 20.59
C VAL B 170 18.58 -10.85 21.64
N PRO B 171 17.90 -11.93 21.22
CA PRO B 171 17.45 -12.86 22.26
C PRO B 171 18.61 -13.50 22.96
N ILE B 172 18.47 -13.79 24.25
CA ILE B 172 19.53 -14.48 25.01
C ILE B 172 18.80 -15.50 25.84
N ASP B 173 19.55 -16.30 26.62
CA ASP B 173 18.97 -17.35 27.44
C ASP B 173 19.11 -17.18 28.95
N GLN B 174 20.08 -16.38 29.40
CA GLN B 174 20.30 -16.13 30.85
C GLN B 174 19.29 -15.15 31.42
N CYS B 175 18.90 -15.38 32.67
CA CYS B 175 18.00 -14.50 33.41
C CYS B 175 16.53 -14.24 32.99
N ILE B 176 16.26 -14.11 31.69
CA ILE B 176 14.94 -13.79 31.22
C ILE B 176 13.88 -14.85 31.03
N ASP B 177 14.21 -16.13 31.15
CA ASP B 177 13.17 -17.14 31.01
C ASP B 177 12.91 -17.60 32.44
N SER C 5 -42.37 8.28 -12.68
CA SER C 5 -41.90 9.66 -13.07
C SER C 5 -41.20 10.58 -12.00
N ASP C 6 -40.57 9.93 -10.96
CA ASP C 6 -39.79 10.62 -9.90
C ASP C 6 -38.53 9.77 -9.61
N LEU C 7 -37.35 10.39 -9.76
CA LEU C 7 -36.08 9.69 -9.63
C LEU C 7 -35.07 10.33 -8.77
N ILE C 8 -34.34 9.52 -8.02
CA ILE C 8 -33.23 10.05 -7.25
C ILE C 8 -32.29 10.65 -8.34
N PRO C 9 -31.80 11.90 -8.14
CA PRO C 9 -30.95 12.44 -9.17
C PRO C 9 -29.58 11.78 -9.36
N ALA C 10 -29.11 11.82 -10.61
CA ALA C 10 -27.77 11.39 -10.89
C ALA C 10 -26.87 12.35 -10.11
N PRO C 11 -25.75 11.80 -9.57
CA PRO C 11 -24.82 12.64 -8.79
C PRO C 11 -23.91 13.42 -9.73
N PRO C 12 -23.31 14.53 -9.27
CA PRO C 12 -22.37 15.24 -10.18
C PRO C 12 -21.14 14.25 -10.43
N LEU C 13 -20.64 14.24 -11.66
CA LEU C 13 -19.50 13.35 -12.01
C LEU C 13 -18.34 13.60 -11.05
N SER C 14 -18.34 14.77 -10.48
CA SER C 14 -17.32 15.15 -9.54
C SER C 14 -17.26 14.21 -8.34
N LYS C 15 -18.37 13.54 -7.99
CA LYS C 15 -18.34 12.56 -6.88
C LYS C 15 -18.09 11.11 -7.35
N VAL C 16 -17.78 10.94 -8.63
CA VAL C 16 -17.60 9.55 -9.15
C VAL C 16 -16.11 9.46 -9.61
N PRO C 17 -15.29 8.83 -8.81
CA PRO C 17 -13.85 8.69 -9.16
C PRO C 17 -13.67 7.92 -10.46
N LEU C 18 -12.50 8.11 -11.07
CA LEU C 18 -12.13 7.41 -12.30
C LEU C 18 -10.85 6.56 -11.95
N GLN C 19 -10.82 5.27 -12.25
CA GLN C 19 -9.63 4.44 -11.93
C GLN C 19 -8.38 5.08 -12.64
N GLN C 20 -7.38 5.41 -11.88
CA GLN C 20 -6.11 5.95 -12.44
C GLN C 20 -5.39 4.98 -13.42
N ASN C 21 -4.85 5.52 -14.52
CA ASN C 21 -4.08 4.81 -15.48
C ASN C 21 -4.79 3.46 -15.84
N PHE C 22 -6.04 3.54 -16.28
CA PHE C 22 -6.85 2.34 -16.60
C PHE C 22 -6.16 1.45 -17.61
N GLN C 23 -6.23 0.13 -17.45
CA GLN C 23 -5.56 -0.78 -18.40
C GLN C 23 -6.58 -1.62 -19.12
N ASP C 24 -6.92 -1.24 -20.37
CA ASP C 24 -7.99 -1.91 -21.10
C ASP C 24 -7.84 -3.44 -21.30
N ASN C 25 -6.59 -3.86 -21.53
CA ASN C 25 -6.27 -5.31 -21.75
C ASN C 25 -6.48 -6.13 -20.45
N GLN C 26 -6.14 -5.57 -19.33
CA GLN C 26 -6.31 -6.23 -18.05
C GLN C 26 -7.78 -6.33 -17.57
N PHE C 27 -8.59 -5.37 -17.99
CA PHE C 27 -10.00 -5.36 -17.62
C PHE C 27 -10.87 -6.33 -18.41
N GLN C 28 -10.34 -6.83 -19.53
CA GLN C 28 -11.09 -7.72 -20.39
C GLN C 28 -11.53 -9.00 -19.75
N GLY C 29 -12.45 -9.67 -20.45
CA GLY C 29 -12.92 -10.96 -19.97
C GLY C 29 -14.24 -10.91 -19.23
N LYS C 30 -14.53 -11.98 -18.49
CA LYS C 30 -15.82 -12.08 -17.81
C LYS C 30 -15.91 -11.52 -16.39
N TRP C 31 -16.99 -10.80 -16.08
CA TRP C 31 -17.20 -10.27 -14.76
C TRP C 31 -18.61 -10.68 -14.33
N TYR C 32 -18.72 -11.14 -13.10
CA TYR C 32 -20.02 -11.49 -12.53
C TYR C 32 -20.54 -10.27 -11.73
N VAL C 33 -21.82 -9.99 -11.83
CA VAL C 33 -22.38 -8.89 -11.09
C VAL C 33 -22.73 -9.25 -9.63
N VAL C 34 -21.80 -9.03 -8.68
CA VAL C 34 -22.08 -9.37 -7.31
C VAL C 34 -22.83 -8.37 -6.48
N GLY C 35 -22.82 -7.11 -6.97
CA GLY C 35 -23.65 -6.09 -6.38
C GLY C 35 -24.15 -5.15 -7.50
N LEU C 36 -25.32 -4.56 -7.30
CA LEU C 36 -25.94 -3.67 -8.30
C LEU C 36 -26.73 -2.63 -7.53
N ALA C 37 -26.58 -1.37 -7.85
CA ALA C 37 -27.33 -0.30 -7.17
C ALA C 37 -27.66 0.76 -8.22
N GLY C 38 -28.76 1.49 -8.03
CA GLY C 38 -29.10 2.52 -8.98
C GLY C 38 -30.44 3.21 -8.69
N ASN C 39 -30.75 4.31 -9.42
CA ASN C 39 -32.02 4.96 -9.19
C ASN C 39 -33.21 4.21 -9.79
N ALA C 40 -33.01 3.24 -10.66
CA ALA C 40 -34.15 2.45 -11.10
C ALA C 40 -33.99 0.98 -10.58
N ILE C 41 -33.20 0.75 -9.52
CA ILE C 41 -33.05 -0.61 -9.03
C ILE C 41 -33.76 -0.61 -7.68
N LEU C 42 -34.55 -1.64 -7.40
CA LEU C 42 -35.26 -1.72 -6.09
C LEU C 42 -35.16 -3.13 -5.56
N ARG C 43 -34.87 -3.27 -4.28
CA ARG C 43 -34.77 -4.64 -3.75
C ARG C 43 -36.18 -5.27 -3.74
N GLU C 44 -36.27 -6.56 -4.00
CA GLU C 44 -37.57 -7.21 -3.97
C GLU C 44 -37.62 -8.54 -3.13
N ASP C 45 -38.55 -8.57 -2.17
CA ASP C 45 -38.71 -9.74 -1.31
C ASP C 45 -38.83 -11.02 -2.12
N LYS C 46 -39.88 -11.10 -2.95
CA LYS C 46 -40.07 -12.27 -3.83
C LYS C 46 -39.49 -11.95 -5.20
N ASP C 47 -38.84 -12.93 -5.82
CA ASP C 47 -38.21 -12.73 -7.11
C ASP C 47 -36.91 -11.93 -6.89
N PRO C 48 -36.04 -12.35 -5.92
CA PRO C 48 -34.81 -11.55 -5.77
C PRO C 48 -33.94 -11.61 -7.02
N GLN C 49 -33.29 -10.49 -7.34
CA GLN C 49 -32.46 -10.36 -8.52
C GLN C 49 -31.52 -11.55 -8.70
N LYS C 50 -31.47 -12.14 -9.86
CA LYS C 50 -30.53 -13.25 -9.95
C LYS C 50 -29.24 -12.68 -10.52
N MET C 51 -28.13 -13.35 -10.25
CA MET C 51 -26.85 -12.88 -10.79
C MET C 51 -26.79 -13.03 -12.33
N TYR C 52 -26.14 -12.07 -12.99
CA TYR C 52 -25.91 -12.11 -14.43
C TYR C 52 -24.36 -11.81 -14.64
N ALA C 53 -23.82 -11.92 -15.86
CA ALA C 53 -22.41 -11.68 -16.05
C ALA C 53 -22.29 -10.83 -17.27
N THR C 54 -21.18 -10.09 -17.37
CA THR C 54 -20.96 -9.26 -18.50
C THR C 54 -19.52 -9.53 -18.93
N ILE C 55 -19.34 -9.72 -20.25
CA ILE C 55 -18.06 -10.06 -20.83
C ILE C 55 -17.62 -8.91 -21.72
N TYR C 56 -16.38 -8.53 -21.55
CA TYR C 56 -15.80 -7.38 -22.31
C TYR C 56 -14.68 -7.97 -23.18
N GLU C 57 -14.78 -7.86 -24.53
CA GLU C 57 -13.70 -8.32 -25.38
C GLU C 57 -13.14 -7.15 -26.09
N LEU C 58 -11.84 -6.92 -25.89
CA LEU C 58 -11.09 -5.79 -26.44
C LEU C 58 -10.87 -6.10 -27.91
N LYS C 59 -11.29 -5.20 -28.77
CA LYS C 59 -11.11 -5.39 -30.21
C LYS C 59 -9.87 -4.65 -30.65
N GLU C 60 -9.41 -4.96 -31.86
CA GLU C 60 -8.20 -4.34 -32.39
C GLU C 60 -8.41 -2.82 -32.49
N ASP C 61 -9.60 -2.36 -32.86
CA ASP C 61 -9.79 -0.93 -32.91
C ASP C 61 -9.90 -0.23 -31.49
N LYS C 62 -9.72 -0.98 -30.41
CA LYS C 62 -9.73 -0.53 -28.99
C LYS C 62 -11.08 -0.37 -28.32
N SER C 63 -12.16 -0.64 -29.03
CA SER C 63 -13.45 -0.58 -28.35
C SER C 63 -13.65 -1.97 -27.75
N TYR C 64 -14.68 -2.11 -26.91
CA TYR C 64 -15.03 -3.43 -26.39
C TYR C 64 -16.34 -3.90 -27.03
N ASN C 65 -16.35 -5.20 -27.37
CA ASN C 65 -17.62 -5.85 -27.72
C ASN C 65 -18.04 -6.33 -26.30
N VAL C 66 -19.22 -6.00 -25.89
CA VAL C 66 -19.65 -6.31 -24.55
C VAL C 66 -20.92 -7.18 -24.61
N THR C 67 -20.93 -8.26 -23.86
CA THR C 67 -22.09 -9.18 -23.81
C THR C 67 -22.54 -9.45 -22.39
N SER C 68 -23.79 -9.16 -22.09
CA SER C 68 -24.29 -9.54 -20.75
C SER C 68 -25.21 -10.73 -20.96
N VAL C 69 -25.12 -11.68 -20.08
CA VAL C 69 -25.98 -12.84 -20.15
C VAL C 69 -26.66 -13.05 -18.83
N LEU C 70 -27.98 -13.24 -18.90
CA LEU C 70 -28.86 -13.49 -17.79
C LEU C 70 -29.80 -14.68 -17.97
N PHE C 71 -30.25 -15.23 -16.84
CA PHE C 71 -31.25 -16.27 -16.84
C PHE C 71 -32.57 -15.61 -16.51
N ARG C 72 -33.46 -15.61 -17.47
CA ARG C 72 -34.76 -14.95 -17.31
C ARG C 72 -35.89 -15.71 -18.06
N LYS C 73 -37.00 -16.00 -17.35
CA LYS C 73 -38.15 -16.66 -17.95
C LYS C 73 -37.73 -17.89 -18.66
N LYS C 74 -36.96 -18.70 -17.95
CA LYS C 74 -36.44 -19.99 -18.39
C LYS C 74 -35.49 -20.02 -19.58
N LYS C 75 -35.11 -18.85 -20.08
CA LYS C 75 -34.14 -18.77 -21.17
C LYS C 75 -32.86 -17.99 -20.81
N CYS C 76 -31.75 -18.23 -21.55
CA CYS C 76 -30.52 -17.46 -21.39
C CYS C 76 -30.73 -16.28 -22.34
N ASP C 77 -30.77 -15.07 -21.83
CA ASP C 77 -30.93 -13.85 -22.65
C ASP C 77 -29.55 -13.17 -22.75
N TYR C 78 -29.25 -12.75 -23.96
CA TYR C 78 -27.98 -12.13 -24.33
C TYR C 78 -28.17 -10.69 -24.86
N TRP C 79 -27.41 -9.73 -24.33
CA TRP C 79 -27.47 -8.36 -24.84
C TRP C 79 -26.03 -8.11 -25.29
N ILE C 80 -25.87 -7.69 -26.54
CA ILE C 80 -24.54 -7.47 -27.09
C ILE C 80 -24.44 -6.01 -27.47
N ARG C 81 -23.41 -5.33 -27.00
CA ARG C 81 -23.24 -3.90 -27.35
C ARG C 81 -21.77 -3.57 -27.62
N THR C 82 -21.51 -2.33 -28.01
CA THR C 82 -20.14 -1.85 -28.25
C THR C 82 -19.84 -0.62 -27.35
N PHE C 83 -18.72 -0.68 -26.62
CA PHE C 83 -18.30 0.42 -25.76
C PHE C 83 -17.09 1.04 -26.44
N VAL C 84 -17.25 2.29 -26.81
CA VAL C 84 -16.26 3.03 -27.49
C VAL C 84 -15.48 3.89 -26.42
N PRO C 85 -14.14 3.97 -26.54
CA PRO C 85 -13.34 4.76 -25.55
C PRO C 85 -13.86 6.17 -25.46
N GLY C 86 -14.05 6.64 -24.22
CA GLY C 86 -14.57 7.99 -24.03
C GLY C 86 -13.50 9.03 -23.83
N SER C 87 -13.84 10.17 -23.21
CA SER C 87 -12.87 11.22 -23.10
C SER C 87 -11.57 10.92 -22.32
N GLN C 88 -11.63 10.00 -21.34
CA GLN C 88 -10.51 9.68 -20.47
C GLN C 88 -10.43 8.14 -20.41
N PRO C 89 -9.20 7.57 -20.27
CA PRO C 89 -9.02 6.10 -20.21
C PRO C 89 -9.90 5.58 -19.06
N GLY C 90 -10.70 4.56 -19.36
CA GLY C 90 -11.52 3.93 -18.37
C GLY C 90 -12.95 4.48 -18.51
N GLU C 91 -13.17 5.44 -19.41
CA GLU C 91 -14.57 5.88 -19.66
C GLU C 91 -14.96 5.35 -21.07
N PHE C 92 -16.26 5.05 -21.26
CA PHE C 92 -16.76 4.61 -22.54
C PHE C 92 -18.11 5.25 -22.88
N THR C 93 -18.35 5.43 -24.18
CA THR C 93 -19.68 5.84 -24.58
C THR C 93 -20.23 4.64 -25.35
N LEU C 94 -21.53 4.66 -25.67
CA LEU C 94 -22.15 3.55 -26.40
C LEU C 94 -22.00 3.63 -27.90
N GLY C 95 -21.49 2.57 -28.57
CA GLY C 95 -21.46 2.62 -30.04
C GLY C 95 -22.90 2.51 -30.67
N ASN C 96 -23.06 3.08 -31.86
CA ASN C 96 -24.31 3.05 -32.65
C ASN C 96 -25.48 3.49 -31.85
N ILE C 97 -25.35 4.61 -31.13
CA ILE C 97 -26.46 5.00 -30.25
C ILE C 97 -27.75 5.31 -31.04
N LYS C 98 -27.55 5.66 -32.29
CA LYS C 98 -28.64 5.99 -33.19
C LYS C 98 -29.62 4.86 -33.40
N SER C 99 -29.18 3.63 -33.22
CA SER C 99 -30.10 2.53 -33.43
C SER C 99 -30.91 2.15 -32.19
N TYR C 100 -30.84 2.98 -31.15
CA TYR C 100 -31.59 2.77 -29.93
C TYR C 100 -32.48 3.98 -29.74
N PRO C 101 -33.68 3.90 -30.33
CA PRO C 101 -34.65 5.01 -30.24
C PRO C 101 -34.99 5.45 -28.79
N GLY C 102 -34.83 6.74 -28.56
CA GLY C 102 -35.12 7.26 -27.24
C GLY C 102 -33.92 7.32 -26.32
N LEU C 103 -32.83 6.63 -26.69
CA LEU C 103 -31.61 6.64 -25.86
C LEU C 103 -30.74 7.78 -26.39
N THR C 104 -30.60 8.85 -25.63
CA THR C 104 -29.81 9.96 -26.15
C THR C 104 -28.44 10.18 -25.51
N SER C 105 -28.13 9.46 -24.43
CA SER C 105 -26.80 9.66 -23.82
C SER C 105 -26.47 8.36 -23.05
N TYR C 106 -25.20 8.00 -22.98
CA TYR C 106 -24.83 6.77 -22.31
C TYR C 106 -23.34 6.94 -21.95
N LEU C 107 -22.99 6.69 -20.70
CA LEU C 107 -21.62 6.94 -20.28
C LEU C 107 -21.26 5.89 -19.29
N VAL C 108 -20.04 5.37 -19.42
CA VAL C 108 -19.55 4.34 -18.54
C VAL C 108 -18.26 4.92 -17.93
N ARG C 109 -18.14 4.79 -16.62
CA ARG C 109 -16.90 5.21 -15.96
C ARG C 109 -16.44 4.08 -14.95
N VAL C 110 -15.28 3.46 -15.22
CA VAL C 110 -14.72 2.45 -14.29
C VAL C 110 -14.18 3.28 -13.05
N VAL C 111 -14.78 3.06 -11.89
CA VAL C 111 -14.43 3.76 -10.65
C VAL C 111 -13.13 3.22 -10.00
N SER C 112 -13.06 1.90 -9.82
CA SER C 112 -11.83 1.26 -9.30
C SER C 112 -11.87 -0.23 -9.63
N THR C 113 -10.67 -0.78 -9.79
CA THR C 113 -10.55 -2.18 -10.02
C THR C 113 -9.11 -2.64 -9.72
N ASN C 114 -8.95 -3.87 -9.30
CA ASN C 114 -7.62 -4.44 -9.22
C ASN C 114 -7.47 -5.48 -10.41
N TYR C 115 -8.37 -5.46 -11.40
CA TYR C 115 -8.35 -6.31 -12.58
C TYR C 115 -8.51 -7.84 -12.44
N ASN C 116 -7.86 -8.51 -11.45
CA ASN C 116 -7.99 -9.98 -11.32
C ASN C 116 -9.00 -10.43 -10.25
N GLN C 117 -9.58 -9.49 -9.48
CA GLN C 117 -10.60 -9.96 -8.51
C GLN C 117 -11.93 -9.16 -8.54
N HIS C 118 -11.81 -7.82 -8.53
CA HIS C 118 -13.03 -6.98 -8.39
C HIS C 118 -12.99 -5.65 -9.15
N ALA C 119 -14.17 -5.07 -9.40
CA ALA C 119 -14.23 -3.76 -10.03
C ALA C 119 -15.58 -3.08 -9.56
N MET C 120 -15.63 -1.75 -9.64
CA MET C 120 -16.91 -0.98 -9.44
C MET C 120 -16.94 -0.12 -10.67
N VAL C 121 -18.07 -0.13 -11.30
CA VAL C 121 -18.21 0.62 -12.51
C VAL C 121 -19.50 1.45 -12.44
N PHE C 122 -19.42 2.72 -12.86
CA PHE C 122 -20.59 3.65 -12.84
C PHE C 122 -21.15 3.79 -14.28
N PHE C 123 -22.49 3.85 -14.40
CA PHE C 123 -23.16 3.96 -15.71
C PHE C 123 -24.21 5.05 -15.59
N LYS C 124 -24.31 5.92 -16.59
CA LYS C 124 -25.33 6.98 -16.55
C LYS C 124 -25.92 7.04 -17.96
N LYS C 125 -27.25 7.09 -18.07
CA LYS C 125 -27.85 7.20 -19.40
C LYS C 125 -29.09 8.08 -19.36
N VAL C 126 -29.44 8.58 -20.51
CA VAL C 126 -30.65 9.37 -20.60
C VAL C 126 -31.51 8.61 -21.61
N SER C 127 -32.69 8.20 -21.14
CA SER C 127 -33.64 7.44 -21.94
C SER C 127 -35.02 8.10 -21.80
N GLN C 128 -35.64 8.41 -22.95
CA GLN C 128 -36.93 9.12 -22.98
C GLN C 128 -36.75 10.35 -22.10
N ASN C 129 -35.65 11.08 -22.25
CA ASN C 129 -35.30 12.22 -21.42
C ASN C 129 -35.34 12.11 -19.89
N ARG C 130 -35.33 10.86 -19.37
CA ARG C 130 -35.19 10.60 -17.94
C ARG C 130 -33.71 10.18 -17.67
N GLU C 131 -33.10 10.71 -16.63
CA GLU C 131 -31.70 10.37 -16.39
C GLU C 131 -31.52 9.23 -15.36
N TYR C 132 -31.05 8.06 -15.79
CA TYR C 132 -30.81 6.92 -14.90
C TYR C 132 -29.33 6.68 -14.58
N PHE C 133 -29.06 6.08 -13.41
CA PHE C 133 -27.65 5.71 -13.16
C PHE C 133 -27.64 4.49 -12.33
N LYS C 134 -26.52 3.78 -12.41
CA LYS C 134 -26.37 2.57 -11.64
C LYS C 134 -24.89 2.30 -11.39
N ILE C 135 -24.58 1.49 -10.41
CA ILE C 135 -23.17 1.12 -10.12
C ILE C 135 -23.15 -0.40 -9.98
N THR C 136 -22.16 -1.04 -10.65
CA THR C 136 -22.07 -2.46 -10.49
C THR C 136 -20.86 -2.77 -9.60
N LEU C 137 -20.92 -3.87 -8.86
CA LEU C 137 -19.74 -4.37 -8.13
C LEU C 137 -19.48 -5.67 -8.93
N TYR C 138 -18.35 -5.75 -9.62
CA TYR C 138 -18.02 -6.89 -10.46
C TYR C 138 -16.99 -7.75 -9.75
N GLY C 139 -17.16 -9.04 -9.91
CA GLY C 139 -16.29 -10.02 -9.35
C GLY C 139 -15.83 -11.00 -10.45
N ARG C 140 -14.56 -11.42 -10.39
CA ARG C 140 -14.05 -12.43 -11.33
C ARG C 140 -14.69 -13.81 -10.97
N THR C 141 -15.13 -13.94 -9.72
CA THR C 141 -15.88 -15.13 -9.30
C THR C 141 -17.22 -14.59 -8.78
N LYS C 142 -18.14 -15.51 -8.38
CA LYS C 142 -19.46 -15.11 -7.88
C LYS C 142 -19.48 -14.62 -6.46
N GLU C 143 -18.35 -14.69 -5.78
CA GLU C 143 -18.37 -14.20 -4.42
C GLU C 143 -17.28 -13.17 -4.19
N LEU C 144 -17.53 -12.20 -3.32
CA LEU C 144 -16.45 -11.29 -2.98
C LEU C 144 -16.45 -11.15 -1.42
N THR C 145 -15.37 -10.59 -0.89
CA THR C 145 -15.29 -10.42 0.50
C THR C 145 -16.38 -9.40 1.02
N SER C 146 -16.66 -9.53 2.33
CA SER C 146 -17.58 -8.63 3.01
C SER C 146 -17.04 -7.20 2.90
N GLU C 147 -15.73 -7.06 3.02
CA GLU C 147 -15.13 -5.79 2.98
C GLU C 147 -15.44 -5.01 1.63
N LEU C 148 -15.34 -5.72 0.51
CA LEU C 148 -15.60 -5.13 -0.82
C LEU C 148 -17.10 -4.81 -0.92
N LYS C 149 -17.96 -5.66 -0.34
CA LYS C 149 -19.36 -5.35 -0.34
C LYS C 149 -19.66 -4.12 0.53
N GLU C 150 -18.98 -3.98 1.68
CA GLU C 150 -19.28 -2.81 2.48
C GLU C 150 -18.76 -1.58 1.76
N ASN C 151 -17.59 -1.69 1.11
CA ASN C 151 -17.10 -0.53 0.36
C ASN C 151 -18.06 -0.09 -0.73
N PHE C 152 -18.68 -1.03 -1.40
CA PHE C 152 -19.69 -0.74 -2.47
C PHE C 152 -20.96 -0.06 -1.88
N ILE C 153 -21.44 -0.57 -0.74
CA ILE C 153 -22.61 0.08 -0.03
C ILE C 153 -22.29 1.56 0.35
N ARG C 154 -21.11 1.78 0.90
CA ARG C 154 -20.72 3.15 1.27
C ARG C 154 -20.60 4.01 0.03
N PHE C 155 -20.00 3.46 -1.02
CA PHE C 155 -19.91 4.27 -2.22
C PHE C 155 -21.30 4.59 -2.80
N SER C 156 -22.19 3.61 -2.87
CA SER C 156 -23.56 3.84 -3.41
C SER C 156 -24.33 4.89 -2.60
N LYS C 157 -24.24 4.79 -1.28
CA LYS C 157 -24.91 5.79 -0.45
C LYS C 157 -24.27 7.17 -0.69
N SER C 158 -22.94 7.23 -0.88
CA SER C 158 -22.36 8.55 -1.14
C SER C 158 -22.90 9.15 -2.43
N LEU C 159 -23.53 8.36 -3.28
CA LEU C 159 -24.03 8.98 -4.52
C LEU C 159 -25.55 9.29 -4.33
N GLY C 160 -26.00 9.20 -3.06
CA GLY C 160 -27.38 9.49 -2.75
C GLY C 160 -28.38 8.32 -2.83
N LEU C 161 -27.90 7.08 -2.97
CA LEU C 161 -28.80 5.96 -2.98
C LEU C 161 -29.07 5.36 -1.55
N PRO C 162 -30.36 5.20 -1.17
CA PRO C 162 -30.73 4.59 0.13
C PRO C 162 -30.57 3.05 -0.02
N GLU C 163 -30.50 2.33 1.10
CA GLU C 163 -30.23 0.91 1.09
C GLU C 163 -31.16 0.10 0.27
N ASN C 164 -32.43 0.51 0.15
CA ASN C 164 -33.34 -0.30 -0.64
C ASN C 164 -33.12 -0.17 -2.17
N HIS C 165 -32.15 0.66 -2.61
CA HIS C 165 -31.85 0.74 -4.06
C HIS C 165 -30.48 0.01 -4.31
N ILE C 166 -30.06 -0.76 -3.31
CA ILE C 166 -28.82 -1.52 -3.39
C ILE C 166 -29.13 -3.02 -3.27
N VAL C 167 -28.79 -3.87 -4.26
CA VAL C 167 -29.06 -5.30 -4.13
C VAL C 167 -27.79 -6.16 -4.39
N PHE C 168 -27.76 -7.36 -3.80
CA PHE C 168 -26.68 -8.28 -4.04
C PHE C 168 -27.30 -9.49 -4.77
N PRO C 169 -27.25 -9.52 -6.12
CA PRO C 169 -27.85 -10.66 -6.88
C PRO C 169 -27.38 -12.04 -6.34
N VAL C 170 -28.28 -13.00 -6.43
CA VAL C 170 -28.04 -14.36 -5.92
C VAL C 170 -27.26 -15.20 -6.93
N PRO C 171 -26.16 -15.82 -6.49
CA PRO C 171 -25.42 -16.63 -7.46
C PRO C 171 -26.31 -17.78 -8.03
N ILE C 172 -26.15 -18.09 -9.34
CA ILE C 172 -26.87 -19.19 -10.02
C ILE C 172 -25.87 -19.83 -10.99
N ASP C 173 -26.23 -20.97 -11.57
CA ASP C 173 -25.34 -21.67 -12.49
C ASP C 173 -25.88 -21.65 -13.89
N GLN C 174 -27.15 -21.34 -14.08
CA GLN C 174 -27.61 -21.35 -15.46
C GLN C 174 -27.05 -20.14 -16.24
N CYS C 175 -26.68 -20.38 -17.50
CA CYS C 175 -26.27 -19.38 -18.48
C CYS C 175 -25.01 -18.57 -18.28
N ILE C 176 -24.70 -18.24 -17.02
CA ILE C 176 -23.60 -17.27 -16.79
C ILE C 176 -22.26 -17.92 -16.68
N ASP C 177 -22.23 -19.26 -16.65
CA ASP C 177 -20.94 -19.95 -16.58
C ASP C 177 -20.39 -20.41 -17.94
#